data_1SSP
#
_entry.id   1SSP
#
_cell.length_a   121.700
_cell.length_b   48.500
_cell.length_c   65.000
_cell.angle_alpha   90.00
_cell.angle_beta   90.00
_cell.angle_gamma   90.00
#
_symmetry.space_group_name_H-M   'P 21 21 2'
#
loop_
_entity.id
_entity.type
_entity.pdbx_description
1 polymer "5'-D(*CP*TP*GP*TP*(D1P)P*AP*TP*CP*TP*T)-3'"
2 polymer "5'-D(*AP*AP*AP*GP*AP*TP*AP*AP*CP*AP*G)-3'"
3 polymer 'URACIL-DNA GLYCOSYLASE'
4 non-polymer URACIL
5 water water
#
loop_
_entity_poly.entity_id
_entity_poly.type
_entity_poly.pdbx_seq_one_letter_code
_entity_poly.pdbx_strand_id
1 'polydeoxyribonucleotide' (DC)(DT)(DG)(DT)(ORP)(DA)(DT)(DC)(DT)(DT) A
2 'polydeoxyribonucleotide' (DA)(DA)(DA)(DG)(DA)(DT)(DA)(DA)(DC)(DA)(DG) B
3 'polypeptide(L)'
;MEFFGESWKKHLSGEFGKPYFIKLMGFVAEERKHYTVYPPPHQVFTWTQMCDIKDVKVVILGQDPYHGPNQAHGLCFSVQ
RPVPPPPSLENIYKELSTDIEDFVHPGHGDLSGWAKQGVLLLNAVLTVRAHQANSHKERGWEQFTDAVVSWLNQNSNGLV
FLLWGSYAQKKGSAIDRKRHHVLQTAHPSPLSVYRGFFGCRHFSKTNELLQKSGKKPIDWKEL
;
E
#
# COMPACT_ATOMS: atom_id res chain seq x y z
N MET C 1 -11.06 5.10 -19.87
CA MET C 1 -11.08 4.54 -18.49
C MET C 1 -10.14 3.35 -18.51
N GLU C 2 -9.16 3.30 -17.60
CA GLU C 2 -8.26 2.14 -17.57
C GLU C 2 -7.47 1.84 -16.30
N PHE C 3 -6.24 1.32 -16.45
CA PHE C 3 -5.44 0.92 -15.29
C PHE C 3 -5.12 2.03 -14.29
N PHE C 4 -4.60 3.14 -14.78
CA PHE C 4 -4.27 4.27 -13.94
C PHE C 4 -5.48 5.19 -13.80
N GLY C 5 -5.80 5.56 -12.57
CA GLY C 5 -6.89 6.49 -12.35
C GLY C 5 -6.35 7.79 -12.94
N GLU C 6 -7.23 8.62 -13.47
CA GLU C 6 -6.83 9.88 -14.11
C GLU C 6 -5.83 10.80 -13.42
N SER C 7 -6.11 11.18 -12.17
CA SER C 7 -5.21 12.10 -11.46
C SER C 7 -3.84 11.51 -11.21
N TRP C 8 -3.77 10.20 -11.03
CA TRP C 8 -2.50 9.54 -10.78
C TRP C 8 -1.69 9.53 -12.06
N LYS C 9 -2.31 9.10 -13.16
CA LYS C 9 -1.65 9.07 -14.47
C LYS C 9 -1.12 10.47 -14.81
N LYS C 10 -1.94 11.48 -14.53
CA LYS C 10 -1.59 12.87 -14.79
C LYS C 10 -0.33 13.30 -14.07
N HIS C 11 -0.14 12.81 -12.86
CA HIS C 11 1.02 13.19 -12.07
C HIS C 11 2.18 12.20 -12.08
N LEU C 12 1.93 11.00 -12.62
CA LEU C 12 2.96 9.96 -12.67
C LEU C 12 3.38 9.55 -14.07
N SER C 13 2.68 10.05 -15.09
CA SER C 13 2.96 9.73 -16.49
C SER C 13 4.37 10.02 -16.97
N GLY C 14 5.04 10.99 -16.33
CA GLY C 14 6.40 11.32 -16.69
C GLY C 14 7.37 10.16 -16.49
N GLU C 15 6.99 9.19 -15.66
CA GLU C 15 7.80 8.02 -15.38
C GLU C 15 7.72 7.01 -16.52
N PHE C 16 6.59 6.99 -17.22
CA PHE C 16 6.34 6.05 -18.32
C PHE C 16 7.42 6.03 -19.40
N GLY C 17 7.92 7.21 -19.76
CA GLY C 17 8.95 7.28 -20.77
C GLY C 17 10.38 7.04 -20.31
N LYS C 18 10.59 6.93 -19.01
CA LYS C 18 11.93 6.71 -18.47
C LYS C 18 12.39 5.27 -18.70
N PRO C 19 13.66 5.09 -19.06
CA PRO C 19 14.25 3.77 -19.31
C PRO C 19 13.98 2.69 -18.24
N TYR C 20 14.08 3.04 -16.95
CA TYR C 20 13.85 2.02 -15.92
C TYR C 20 12.42 1.50 -15.96
N PHE C 21 11.46 2.37 -16.28
CA PHE C 21 10.05 1.97 -16.34
C PHE C 21 9.79 1.07 -17.54
N ILE C 22 10.33 1.46 -18.68
CA ILE C 22 10.19 0.66 -19.89
C ILE C 22 10.80 -0.71 -19.62
N LYS C 23 11.96 -0.73 -18.97
CA LYS C 23 12.63 -1.98 -18.65
C LYS C 23 11.85 -2.78 -17.61
N LEU C 24 11.27 -2.09 -16.63
CA LEU C 24 10.48 -2.73 -15.59
C LEU C 24 9.27 -3.44 -16.22
N MET C 25 8.50 -2.72 -17.04
CA MET C 25 7.33 -3.30 -17.69
C MET C 25 7.72 -4.49 -18.57
N GLY C 26 8.92 -4.41 -19.15
CA GLY C 26 9.44 -5.48 -19.98
C GLY C 26 9.71 -6.72 -19.14
N PHE C 27 10.31 -6.52 -17.96
CA PHE C 27 10.62 -7.62 -17.04
C PHE C 27 9.33 -8.30 -16.58
N VAL C 28 8.34 -7.49 -16.18
CA VAL C 28 7.07 -8.04 -15.71
C VAL C 28 6.38 -8.82 -16.84
N ALA C 29 6.46 -8.29 -18.05
CA ALA C 29 5.87 -8.92 -19.23
C ALA C 29 6.52 -10.29 -19.48
N GLU C 30 7.84 -10.30 -19.42
CA GLU C 30 8.61 -11.51 -19.63
C GLU C 30 8.28 -12.53 -18.56
N GLU C 31 8.18 -12.08 -17.31
CA GLU C 31 7.88 -12.97 -16.20
C GLU C 31 6.52 -13.62 -16.38
N ARG C 32 5.52 -12.84 -16.81
CA ARG C 32 4.17 -13.37 -17.01
C ARG C 32 4.11 -14.45 -18.10
N LYS C 33 5.11 -14.50 -18.97
CA LYS C 33 5.15 -15.50 -20.02
C LYS C 33 5.64 -16.82 -19.45
N HIS C 34 6.50 -16.76 -18.44
CA HIS C 34 7.07 -17.97 -17.87
C HIS C 34 6.53 -18.38 -16.52
N TYR C 35 5.90 -17.46 -15.80
CA TYR C 35 5.35 -17.76 -14.48
C TYR C 35 4.05 -17.01 -14.28
N THR C 36 3.36 -17.32 -13.20
CA THR C 36 2.14 -16.60 -12.86
C THR C 36 2.67 -15.47 -11.99
N VAL C 37 2.30 -14.25 -12.36
CA VAL C 37 2.70 -13.06 -11.65
C VAL C 37 1.45 -12.45 -11.01
N TYR C 38 1.56 -12.00 -9.77
CA TYR C 38 0.45 -11.37 -9.08
C TYR C 38 0.76 -9.90 -8.80
N PRO C 39 -0.24 -9.03 -8.90
CA PRO C 39 -1.62 -9.35 -9.25
C PRO C 39 -1.78 -9.36 -10.77
N PRO C 40 -2.98 -9.70 -11.27
CA PRO C 40 -3.20 -9.71 -12.72
C PRO C 40 -2.90 -8.31 -13.25
N PRO C 41 -2.53 -8.21 -14.53
CA PRO C 41 -2.21 -6.90 -15.13
C PRO C 41 -3.19 -5.76 -14.88
N HIS C 42 -4.49 -6.00 -15.03
CA HIS C 42 -5.50 -4.97 -14.81
C HIS C 42 -5.67 -4.58 -13.34
N GLN C 43 -4.94 -5.23 -12.44
CA GLN C 43 -5.04 -4.91 -11.03
C GLN C 43 -3.74 -4.45 -10.36
N VAL C 44 -2.67 -4.32 -11.13
CA VAL C 44 -1.40 -3.87 -10.58
C VAL C 44 -1.50 -2.44 -10.04
N PHE C 45 -2.34 -1.63 -10.68
CA PHE C 45 -2.49 -0.24 -10.30
C PHE C 45 -3.83 0.11 -9.65
N THR C 46 -4.45 -0.87 -9.00
CA THR C 46 -5.72 -0.64 -8.32
C THR C 46 -5.64 0.51 -7.30
N TRP C 47 -4.44 0.70 -6.76
CA TRP C 47 -4.20 1.74 -5.76
C TRP C 47 -4.37 3.17 -6.31
N THR C 48 -4.54 3.29 -7.62
CA THR C 48 -4.74 4.60 -8.25
C THR C 48 -6.23 4.83 -8.60
N GLN C 49 -7.04 3.79 -8.42
CA GLN C 49 -8.46 3.86 -8.80
C GLN C 49 -9.46 4.08 -7.68
N MET C 50 -9.00 4.29 -6.46
CA MET C 50 -9.90 4.42 -5.33
C MET C 50 -10.24 5.83 -4.90
N CYS C 51 -9.37 6.77 -5.20
CA CYS C 51 -9.58 8.16 -4.85
C CYS C 51 -8.60 9.00 -5.65
N ASP C 52 -8.88 10.28 -5.75
CA ASP C 52 -8.03 11.22 -6.46
C ASP C 52 -6.72 11.33 -5.65
N ILE C 53 -5.60 11.46 -6.35
CA ILE C 53 -4.28 11.57 -5.70
C ILE C 53 -4.21 12.73 -4.70
N LYS C 54 -4.97 13.78 -4.97
CA LYS C 54 -4.98 14.94 -4.09
C LYS C 54 -5.86 14.73 -2.87
N ASP C 55 -6.56 13.60 -2.83
CA ASP C 55 -7.42 13.29 -1.70
C ASP C 55 -6.75 12.26 -0.78
N VAL C 56 -5.53 11.88 -1.13
CA VAL C 56 -4.78 10.94 -0.31
C VAL C 56 -4.43 11.67 0.99
N LYS C 57 -4.69 11.02 2.12
CA LYS C 57 -4.42 11.59 3.43
C LYS C 57 -3.47 10.71 4.24
N VAL C 58 -3.54 9.41 4.00
CA VAL C 58 -2.72 8.42 4.70
C VAL C 58 -2.13 7.48 3.68
N VAL C 59 -0.91 7.04 3.90
CA VAL C 59 -0.27 6.11 2.97
C VAL C 59 0.22 4.92 3.77
N ILE C 60 -0.31 3.74 3.48
CA ILE C 60 0.15 2.51 4.15
C ILE C 60 1.07 1.88 3.11
N LEU C 61 2.33 1.66 3.46
CA LEU C 61 3.27 1.07 2.52
C LEU C 61 3.69 -0.31 2.98
N GLY C 62 3.46 -1.28 2.10
CA GLY C 62 3.83 -2.65 2.38
C GLY C 62 5.07 -3.00 1.57
N GLN C 63 5.46 -4.28 1.63
CA GLN C 63 6.63 -4.78 0.93
C GLN C 63 6.35 -5.07 -0.55
N ASP C 64 5.55 -6.09 -0.80
CA ASP C 64 5.20 -6.47 -2.16
C ASP C 64 3.86 -7.21 -2.09
N PRO C 65 3.19 -7.46 -3.24
CA PRO C 65 1.91 -8.15 -3.23
C PRO C 65 1.87 -9.56 -2.65
N TYR C 66 0.66 -10.00 -2.29
CA TYR C 66 0.47 -11.36 -1.81
C TYR C 66 0.91 -12.23 -2.98
N HIS C 67 1.55 -13.36 -2.67
CA HIS C 67 2.06 -14.25 -3.70
C HIS C 67 1.29 -15.56 -3.83
N GLY C 68 0.08 -15.60 -3.29
CA GLY C 68 -0.73 -16.80 -3.39
C GLY C 68 -1.80 -16.60 -4.46
N PRO C 69 -2.36 -17.68 -5.02
CA PRO C 69 -3.39 -17.53 -6.04
C PRO C 69 -4.60 -16.75 -5.55
N ASN C 70 -5.03 -15.77 -6.34
CA ASN C 70 -6.21 -14.97 -6.04
C ASN C 70 -6.17 -13.99 -4.91
N GLN C 71 -5.00 -13.69 -4.38
CA GLN C 71 -4.94 -12.77 -3.25
C GLN C 71 -4.73 -11.33 -3.64
N ALA C 72 -3.54 -10.99 -4.10
CA ALA C 72 -3.22 -9.63 -4.49
C ALA C 72 -4.15 -9.06 -5.53
N HIS C 73 -4.56 -7.82 -5.34
CA HIS C 73 -5.41 -7.18 -6.32
C HIS C 73 -5.07 -5.71 -6.47
N GLY C 74 -3.87 -5.32 -6.07
CA GLY C 74 -3.45 -3.94 -6.23
C GLY C 74 -3.52 -3.00 -5.06
N LEU C 75 -4.13 -3.43 -3.97
CA LEU C 75 -4.23 -2.61 -2.76
C LEU C 75 -3.48 -3.45 -1.74
N CYS C 76 -2.43 -2.90 -1.13
CA CYS C 76 -1.63 -3.66 -0.17
C CYS C 76 -2.47 -4.29 0.94
N PHE C 77 -2.20 -5.57 1.21
CA PHE C 77 -2.88 -6.37 2.24
C PHE C 77 -4.34 -6.76 2.00
N SER C 78 -4.92 -6.22 0.93
CA SER C 78 -6.31 -6.47 0.58
C SER C 78 -6.53 -7.71 -0.28
N VAL C 79 -7.65 -8.39 -0.05
CA VAL C 79 -8.06 -9.55 -0.84
C VAL C 79 -9.54 -9.35 -1.11
N GLN C 80 -9.97 -9.58 -2.33
CA GLN C 80 -11.37 -9.42 -2.69
C GLN C 80 -12.17 -10.65 -2.32
N ARG C 81 -13.47 -10.45 -2.11
CA ARG C 81 -14.38 -11.56 -1.78
C ARG C 81 -14.38 -12.53 -2.96
N PRO C 82 -14.51 -13.84 -2.69
CA PRO C 82 -14.67 -14.53 -1.41
C PRO C 82 -13.34 -15.01 -0.80
N VAL C 83 -12.22 -14.42 -1.22
CA VAL C 83 -10.92 -14.83 -0.69
C VAL C 83 -10.84 -14.43 0.77
N PRO C 84 -10.51 -15.37 1.66
CA PRO C 84 -10.40 -15.05 3.08
C PRO C 84 -9.14 -14.23 3.36
N PRO C 85 -9.21 -13.36 4.38
CA PRO C 85 -8.04 -12.53 4.73
C PRO C 85 -6.81 -13.40 4.97
N PRO C 86 -5.69 -13.10 4.31
CA PRO C 86 -4.46 -13.88 4.51
C PRO C 86 -3.93 -13.59 5.92
N PRO C 87 -2.94 -14.36 6.40
CA PRO C 87 -2.37 -14.14 7.73
C PRO C 87 -2.02 -12.69 8.08
N SER C 88 -1.35 -12.00 7.17
CA SER C 88 -0.97 -10.62 7.41
C SER C 88 -2.20 -9.76 7.73
N LEU C 89 -3.25 -9.91 6.93
CA LEU C 89 -4.47 -9.14 7.12
C LEU C 89 -5.20 -9.51 8.42
N GLU C 90 -5.18 -10.79 8.78
CA GLU C 90 -5.81 -11.21 10.03
C GLU C 90 -5.11 -10.51 11.19
N ASN C 91 -3.79 -10.33 11.06
CA ASN C 91 -2.99 -9.65 12.07
C ASN C 91 -3.30 -8.16 12.08
N ILE C 92 -3.51 -7.58 10.90
CA ILE C 92 -3.87 -6.17 10.79
C ILE C 92 -5.22 -5.98 11.51
N TYR C 93 -6.15 -6.92 11.27
CA TYR C 93 -7.47 -6.88 11.90
C TYR C 93 -7.37 -7.05 13.43
N LYS C 94 -6.49 -7.95 13.90
CA LYS C 94 -6.27 -8.16 15.33
C LYS C 94 -5.73 -6.88 15.98
N GLU C 95 -4.85 -6.19 15.27
CA GLU C 95 -4.28 -4.94 15.78
C GLU C 95 -5.37 -3.87 15.81
N LEU C 96 -6.15 -3.79 14.74
CA LEU C 96 -7.24 -2.82 14.67
C LEU C 96 -8.25 -3.05 15.79
N SER C 97 -8.46 -4.32 16.12
CA SER C 97 -9.39 -4.72 17.15
C SER C 97 -9.01 -4.21 18.54
N THR C 98 -7.74 -4.26 18.88
CA THR C 98 -7.30 -3.77 20.18
C THR C 98 -7.03 -2.26 20.13
N ASP C 99 -6.70 -1.78 18.95
CA ASP C 99 -6.38 -0.37 18.73
C ASP C 99 -7.60 0.53 18.59
N ILE C 100 -8.60 0.05 17.87
CA ILE C 100 -9.82 0.80 17.62
C ILE C 100 -10.95 0.04 18.29
N GLU C 101 -11.48 0.64 19.36
CA GLU C 101 -12.55 0.03 20.14
C GLU C 101 -13.74 -0.51 19.35
N ASP C 102 -14.23 0.29 18.41
CA ASP C 102 -15.36 -0.08 17.59
C ASP C 102 -15.05 -1.05 16.47
N PHE C 103 -13.77 -1.28 16.20
CA PHE C 103 -13.44 -2.17 15.12
C PHE C 103 -13.75 -3.63 15.42
N VAL C 104 -14.39 -4.27 14.44
CA VAL C 104 -14.74 -5.67 14.55
C VAL C 104 -14.41 -6.25 13.17
N HIS C 105 -13.93 -7.49 13.13
CA HIS C 105 -13.57 -8.18 11.88
C HIS C 105 -14.72 -8.06 10.88
N PRO C 106 -14.47 -7.45 9.70
CA PRO C 106 -15.51 -7.27 8.67
C PRO C 106 -16.08 -8.49 7.94
N GLY C 107 -15.49 -9.67 8.11
CA GLY C 107 -16.00 -10.86 7.46
C GLY C 107 -15.49 -11.04 6.04
N HIS C 108 -14.52 -10.22 5.65
CA HIS C 108 -13.90 -10.26 4.33
C HIS C 108 -12.55 -9.54 4.43
N GLY C 109 -11.77 -9.56 3.34
CA GLY C 109 -10.48 -8.89 3.37
C GLY C 109 -10.33 -7.74 2.40
N ASP C 110 -11.44 -7.24 1.86
CA ASP C 110 -11.38 -6.13 0.90
C ASP C 110 -11.22 -4.76 1.59
N LEU C 111 -10.08 -4.13 1.33
CA LEU C 111 -9.75 -2.84 1.92
C LEU C 111 -10.08 -1.60 1.07
N SER C 112 -10.89 -1.79 0.03
CA SER C 112 -11.28 -0.67 -0.84
C SER C 112 -11.93 0.42 0.01
N GLY C 113 -12.60 0.02 1.09
CA GLY C 113 -13.24 0.98 1.96
C GLY C 113 -12.29 2.04 2.49
N TRP C 114 -11.08 1.61 2.89
CA TRP C 114 -10.08 2.55 3.41
C TRP C 114 -9.56 3.39 2.25
N ALA C 115 -9.20 2.72 1.16
CA ALA C 115 -8.66 3.39 -0.01
C ALA C 115 -9.56 4.50 -0.53
N LYS C 116 -10.87 4.27 -0.51
CA LYS C 116 -11.83 5.28 -0.97
C LYS C 116 -11.81 6.52 -0.08
N GLN C 117 -11.43 6.32 1.19
CA GLN C 117 -11.34 7.43 2.15
C GLN C 117 -10.04 8.22 2.06
N GLY C 118 -9.15 7.84 1.15
CA GLY C 118 -7.90 8.56 1.04
C GLY C 118 -6.70 7.84 1.63
N VAL C 119 -6.84 6.55 1.89
CA VAL C 119 -5.72 5.76 2.40
C VAL C 119 -5.08 5.04 1.21
N LEU C 120 -3.93 5.54 0.77
CA LEU C 120 -3.21 4.92 -0.33
C LEU C 120 -2.64 3.61 0.22
N LEU C 121 -3.05 2.50 -0.39
CA LEU C 121 -2.59 1.17 0.01
C LEU C 121 -1.55 0.72 -1.03
N LEU C 122 -0.34 1.23 -0.85
CA LEU C 122 0.77 0.98 -1.73
C LEU C 122 1.78 -0.02 -1.20
N ASN C 123 2.43 -0.72 -2.11
CA ASN C 123 3.49 -1.66 -1.77
C ASN C 123 4.74 -1.09 -2.40
N ALA C 124 5.90 -1.35 -1.81
CA ALA C 124 7.16 -0.85 -2.36
C ALA C 124 7.38 -1.46 -3.76
N VAL C 125 7.07 -2.75 -3.88
CA VAL C 125 7.19 -3.50 -5.12
C VAL C 125 5.77 -3.87 -5.53
N LEU C 126 5.40 -3.62 -6.78
CA LEU C 126 4.02 -3.84 -7.23
C LEU C 126 3.61 -5.14 -7.93
N THR C 127 4.57 -6.05 -8.12
CA THR C 127 4.27 -7.35 -8.70
C THR C 127 5.13 -8.37 -7.97
N VAL C 128 4.72 -9.63 -8.05
CA VAL C 128 5.45 -10.70 -7.40
C VAL C 128 5.28 -11.99 -8.18
N ARG C 129 6.34 -12.79 -8.23
CA ARG C 129 6.27 -14.08 -8.91
C ARG C 129 5.56 -14.99 -7.93
N ALA C 130 4.62 -15.80 -8.42
CA ALA C 130 3.87 -16.70 -7.56
C ALA C 130 4.75 -17.52 -6.62
N HIS C 131 4.36 -17.56 -5.36
CA HIS C 131 5.05 -18.33 -4.33
C HIS C 131 6.44 -17.88 -3.95
N GLN C 132 6.82 -16.68 -4.38
CA GLN C 132 8.16 -16.17 -4.07
C GLN C 132 8.13 -14.73 -3.56
N ALA C 133 8.04 -14.58 -2.25
CA ALA C 133 7.98 -13.26 -1.63
C ALA C 133 9.14 -12.36 -2.03
N ASN C 134 8.80 -11.14 -2.43
CA ASN C 134 9.79 -10.13 -2.83
C ASN C 134 10.63 -10.54 -4.03
N SER C 135 10.09 -11.41 -4.88
CA SER C 135 10.82 -11.86 -6.04
C SER C 135 11.04 -10.76 -7.09
N HIS C 136 10.19 -9.74 -7.10
CA HIS C 136 10.34 -8.68 -8.07
C HIS C 136 10.96 -7.41 -7.54
N LYS C 137 11.68 -7.53 -6.43
CA LYS C 137 12.35 -6.39 -5.83
C LYS C 137 13.59 -6.05 -6.66
N GLU C 138 13.96 -4.77 -6.65
CA GLU C 138 15.15 -4.27 -7.36
C GLU C 138 15.14 -4.45 -8.86
N ARG C 139 13.96 -4.36 -9.45
CA ARG C 139 13.78 -4.50 -10.89
C ARG C 139 13.30 -3.19 -11.47
N GLY C 140 13.03 -2.22 -10.60
CA GLY C 140 12.55 -0.93 -11.05
C GLY C 140 11.31 -0.44 -10.32
N TRP C 141 10.59 -1.34 -9.67
CA TRP C 141 9.37 -0.93 -8.98
C TRP C 141 9.62 0.16 -7.95
N GLU C 142 10.69 -0.02 -7.17
CA GLU C 142 11.07 0.93 -6.11
C GLU C 142 11.21 2.36 -6.62
N GLN C 143 11.85 2.52 -7.76
CA GLN C 143 11.99 3.85 -8.32
C GLN C 143 10.61 4.41 -8.69
N PHE C 144 9.70 3.56 -9.15
CA PHE C 144 8.37 4.05 -9.49
C PHE C 144 7.57 4.46 -8.24
N THR C 145 7.59 3.63 -7.20
CA THR C 145 6.87 3.95 -5.98
C THR C 145 7.54 5.11 -5.25
N ASP C 146 8.83 5.31 -5.52
CA ASP C 146 9.57 6.43 -4.96
C ASP C 146 8.95 7.65 -5.57
N ALA C 147 8.67 7.58 -6.88
CA ALA C 147 8.03 8.71 -7.59
C ALA C 147 6.66 9.04 -6.97
N VAL C 148 5.89 8.00 -6.61
CA VAL C 148 4.57 8.19 -5.99
C VAL C 148 4.74 8.90 -4.64
N VAL C 149 5.63 8.37 -3.81
CA VAL C 149 5.91 8.92 -2.50
C VAL C 149 6.45 10.33 -2.61
N SER C 150 7.35 10.55 -3.55
CA SER C 150 7.94 11.87 -3.75
C SER C 150 6.91 12.90 -4.14
N TRP C 151 6.01 12.54 -5.06
CA TRP C 151 4.97 13.48 -5.48
C TRP C 151 4.10 13.89 -4.30
N LEU C 152 3.64 12.90 -3.55
CA LEU C 152 2.81 13.13 -2.38
C LEU C 152 3.54 13.97 -1.34
N ASN C 153 4.81 13.65 -1.13
CA ASN C 153 5.62 14.37 -0.18
C ASN C 153 5.76 15.85 -0.55
N GLN C 154 5.97 16.13 -1.83
CA GLN C 154 6.16 17.49 -2.31
C GLN C 154 4.88 18.31 -2.51
N ASN C 155 3.79 17.64 -2.87
CA ASN C 155 2.55 18.35 -3.16
C ASN C 155 1.44 18.30 -2.14
N SER C 156 1.52 17.39 -1.19
CA SER C 156 0.50 17.30 -0.17
C SER C 156 1.09 17.88 1.10
N ASN C 157 0.34 17.87 2.19
CA ASN C 157 0.85 18.40 3.45
C ASN C 157 0.16 17.71 4.61
N GLY C 158 0.92 17.33 5.63
CA GLY C 158 0.33 16.65 6.77
C GLY C 158 -0.17 15.24 6.51
N LEU C 159 0.47 14.54 5.56
CA LEU C 159 0.12 13.16 5.26
C LEU C 159 0.69 12.28 6.36
N VAL C 160 0.02 11.17 6.63
CA VAL C 160 0.47 10.21 7.61
C VAL C 160 0.96 8.97 6.84
N PHE C 161 2.26 8.70 6.92
CA PHE C 161 2.87 7.56 6.24
C PHE C 161 3.06 6.42 7.22
N LEU C 162 2.53 5.26 6.86
CA LEU C 162 2.63 4.06 7.67
C LEU C 162 3.53 3.11 6.91
N LEU C 163 4.79 3.00 7.35
CA LEU C 163 5.78 2.15 6.70
C LEU C 163 5.87 0.84 7.46
N TRP C 164 5.33 -0.21 6.85
CA TRP C 164 5.29 -1.53 7.48
C TRP C 164 6.33 -2.48 6.91
N GLY C 165 7.37 -2.75 7.70
CA GLY C 165 8.42 -3.66 7.27
C GLY C 165 9.64 -2.93 6.77
N SER C 166 10.76 -3.64 6.76
CA SER C 166 12.04 -3.11 6.34
C SER C 166 12.04 -2.49 4.93
N TYR C 167 11.43 -3.18 3.98
CA TYR C 167 11.40 -2.69 2.61
C TYR C 167 10.60 -1.41 2.41
N ALA C 168 9.42 -1.35 3.02
CA ALA C 168 8.59 -0.15 2.92
C ALA C 168 9.37 0.99 3.57
N GLN C 169 10.09 0.66 4.64
CA GLN C 169 10.87 1.66 5.37
C GLN C 169 12.01 2.32 4.59
N LYS C 170 12.36 1.74 3.44
CA LYS C 170 13.41 2.32 2.59
C LYS C 170 12.95 3.68 2.04
N LYS C 171 11.63 3.88 1.98
CA LYS C 171 11.05 5.13 1.49
C LYS C 171 11.16 6.27 2.53
N GLY C 172 11.43 5.92 3.77
CA GLY C 172 11.52 6.90 4.84
C GLY C 172 12.38 8.13 4.56
N SER C 173 13.53 7.92 3.93
CA SER C 173 14.42 9.02 3.62
C SER C 173 13.82 10.02 2.63
N ALA C 174 12.85 9.56 1.85
CA ALA C 174 12.19 10.38 0.84
C ALA C 174 11.12 11.32 1.40
N ILE C 175 10.72 11.10 2.64
CA ILE C 175 9.68 11.90 3.27
C ILE C 175 10.20 12.99 4.20
N ASP C 176 9.63 14.17 4.09
CA ASP C 176 9.99 15.32 4.93
C ASP C 176 9.32 15.07 6.28
N ARG C 177 10.10 14.63 7.26
CA ARG C 177 9.59 14.30 8.60
C ARG C 177 8.93 15.38 9.44
N LYS C 178 8.99 16.62 8.98
CA LYS C 178 8.37 17.72 9.72
C LYS C 178 7.08 18.13 9.00
N ARG C 179 7.09 17.96 7.68
CA ARG C 179 5.96 18.27 6.82
C ARG C 179 4.91 17.14 6.86
N HIS C 180 5.35 15.92 7.14
CA HIS C 180 4.48 14.75 7.20
C HIS C 180 4.83 13.90 8.40
N HIS C 181 3.93 13.01 8.74
CA HIS C 181 4.12 12.11 9.86
C HIS C 181 4.49 10.76 9.34
N VAL C 182 5.58 10.19 9.84
CA VAL C 182 6.00 8.87 9.39
C VAL C 182 6.03 7.93 10.59
N LEU C 183 5.19 6.90 10.54
CA LEU C 183 5.08 5.88 11.58
C LEU C 183 5.63 4.61 10.96
N GLN C 184 6.54 3.93 11.66
CA GLN C 184 7.18 2.75 11.14
C GLN C 184 7.11 1.60 12.12
N THR C 185 6.86 0.41 11.62
CA THR C 185 6.78 -0.77 12.47
C THR C 185 7.04 -2.01 11.63
N ALA C 186 7.10 -3.15 12.30
CA ALA C 186 7.34 -4.42 11.64
C ALA C 186 6.19 -4.79 10.72
N HIS C 187 6.49 -5.60 9.73
CA HIS C 187 5.51 -6.05 8.77
C HIS C 187 4.52 -6.95 9.52
N PRO C 188 3.21 -6.82 9.22
CA PRO C 188 2.18 -7.62 9.88
C PRO C 188 2.18 -9.12 9.58
N SER C 189 3.04 -9.59 8.70
CA SER C 189 3.11 -11.02 8.41
C SER C 189 3.46 -11.77 9.70
N PRO C 190 2.96 -13.01 9.86
CA PRO C 190 3.24 -13.81 11.05
C PRO C 190 4.74 -13.94 11.32
N LEU C 191 5.54 -13.88 10.26
CA LEU C 191 6.99 -13.99 10.41
C LEU C 191 7.67 -12.81 11.05
N SER C 192 6.95 -11.69 11.22
CA SER C 192 7.56 -10.48 11.79
C SER C 192 6.64 -9.66 12.69
N VAL C 193 5.35 -9.97 12.69
CA VAL C 193 4.37 -9.20 13.44
C VAL C 193 4.73 -8.99 14.91
N TYR C 194 5.34 -10.01 15.51
CA TYR C 194 5.75 -9.99 16.91
C TYR C 194 6.90 -9.01 17.18
N ARG C 195 7.44 -8.41 16.13
CA ARG C 195 8.54 -7.47 16.29
C ARG C 195 8.09 -6.02 16.39
N GLY C 196 6.84 -5.79 16.78
CA GLY C 196 6.39 -4.42 16.91
C GLY C 196 5.05 -4.07 16.30
N PHE C 197 4.62 -4.81 15.29
CA PHE C 197 3.33 -4.49 14.68
C PHE C 197 2.24 -4.60 15.74
N PHE C 198 2.22 -5.71 16.47
CA PHE C 198 1.22 -5.84 17.53
C PHE C 198 1.57 -4.83 18.62
N GLY C 199 0.66 -3.89 18.85
CA GLY C 199 0.84 -2.86 19.85
C GLY C 199 1.27 -1.54 19.26
N CYS C 200 1.50 -1.51 17.95
CA CYS C 200 1.95 -0.28 17.28
C CYS C 200 0.93 0.86 17.29
N ARG C 201 -0.35 0.52 17.38
CA ARG C 201 -1.44 1.51 17.44
C ARG C 201 -1.40 2.55 16.33
N HIS C 202 -0.94 2.14 15.15
CA HIS C 202 -0.82 3.02 13.99
C HIS C 202 -2.16 3.61 13.52
N PHE C 203 -3.23 2.85 13.67
CA PHE C 203 -4.56 3.29 13.23
C PHE C 203 -5.14 4.41 14.08
N SER C 204 -5.06 4.27 15.39
CA SER C 204 -5.55 5.30 16.29
C SER C 204 -4.61 6.51 16.17
N LYS C 205 -3.30 6.24 16.17
CA LYS C 205 -2.32 7.30 16.04
C LYS C 205 -2.48 8.10 14.76
N THR C 206 -2.83 7.42 13.67
CA THR C 206 -3.02 8.11 12.40
C THR C 206 -4.16 9.11 12.52
N ASN C 207 -5.25 8.67 13.13
CA ASN C 207 -6.42 9.54 13.30
C ASN C 207 -6.12 10.73 14.21
N GLU C 208 -5.29 10.52 15.24
CA GLU C 208 -4.91 11.60 16.14
C GLU C 208 -4.11 12.64 15.36
N LEU C 209 -3.17 12.17 14.54
CA LEU C 209 -2.36 13.05 13.73
C LEU C 209 -3.22 13.78 12.72
N LEU C 210 -4.17 13.08 12.11
CA LEU C 210 -5.07 13.68 11.14
C LEU C 210 -5.89 14.80 11.81
N GLN C 211 -6.50 14.48 12.95
CA GLN C 211 -7.31 15.43 13.70
C GLN C 211 -6.50 16.68 14.07
N LYS C 212 -5.24 16.50 14.46
CA LYS C 212 -4.41 17.64 14.79
C LYS C 212 -4.13 18.50 13.57
N SER C 213 -4.07 17.87 12.39
CA SER C 213 -3.84 18.59 11.15
C SER C 213 -5.13 19.19 10.61
N GLY C 214 -6.24 18.92 11.29
CA GLY C 214 -7.52 19.45 10.86
C GLY C 214 -8.19 18.64 9.77
N LYS C 215 -7.83 17.37 9.67
CA LYS C 215 -8.42 16.51 8.65
C LYS C 215 -9.35 15.51 9.29
N LYS C 216 -10.36 15.09 8.51
CA LYS C 216 -11.32 14.11 8.98
C LYS C 216 -10.55 12.79 9.19
N PRO C 217 -10.83 12.07 10.28
CA PRO C 217 -10.11 10.82 10.55
C PRO C 217 -10.60 9.71 9.62
N ILE C 218 -9.83 8.64 9.51
CA ILE C 218 -10.20 7.52 8.70
C ILE C 218 -11.14 6.67 9.53
N ASP C 219 -12.23 6.23 8.91
CA ASP C 219 -13.16 5.34 9.58
C ASP C 219 -12.64 3.96 9.19
N TRP C 220 -11.80 3.39 10.05
CA TRP C 220 -11.19 2.07 9.79
C TRP C 220 -12.21 0.95 9.72
N LYS C 221 -13.38 1.21 10.27
CA LYS C 221 -14.46 0.22 10.28
C LYS C 221 -15.22 0.24 8.97
N GLU C 222 -15.07 1.34 8.23
CA GLU C 222 -15.77 1.51 6.96
C GLU C 222 -15.13 0.67 5.84
N LEU C 223 -15.50 -0.61 5.81
CA LEU C 223 -15.01 -1.55 4.83
C LEU C 223 -16.16 -2.26 4.11
#